data_1TDH
#
_entry.id   1TDH
#
_cell.length_a   132.190
_cell.length_b   132.190
_cell.length_c   51.090
_cell.angle_alpha   90.00
_cell.angle_beta   90.00
_cell.angle_gamma   120.00
#
_symmetry.space_group_name_H-M   'H 3'
#
loop_
_entity.id
_entity.type
_entity.pdbx_description
1 polymer 'nei endonuclease VIII-like 1'
2 non-polymer 2-AMINO-2-HYDROXYMETHYL-PROPANE-1,3-DIOL
3 water water
#
_entity_poly.entity_id   1
_entity_poly.type   'polypeptide(L)'
_entity_poly.pdbx_seq_one_letter_code
;MPEGPELHLASQFVNEACRALVFGGCVEKSSVSRNPEVPFESSAYRISASARGKELRLILSPLPGAQPQQEPLALVFRFG
MSGSFQLVPREELPRHAHLRFYTAPPGPRLALCFVDIRRFGRWDLGGKWQPGRGPCVLQEYQQFRESVLRNLADKAFDRP
ICEALLDQRFFNGIGNYLRAEILYRLKIPPFEKARSVLEALQQHRPSPELTLSQKIRTKLQNPDLLELCHSVPKEVVQLG
GRGYGSESGEEDFAAFRAWLRCYGMPGMSSLQDRHGRTIWFQGDPGPLAPKGRKSRKKKSKATQLSPEDRVEDALPPSKA
PSRTRRAKRDLPKRKGRQAASGHCRPRKVKADIPSLEPEGTSAS
;
_entity_poly.pdbx_strand_id   A
#
loop_
_chem_comp.id
_chem_comp.type
_chem_comp.name
_chem_comp.formula
TRS non-polymer 2-AMINO-2-HYDROXYMETHYL-PROPANE-1,3-DIOL 'C4 H12 N O3 1'
#
# COMPACT_ATOMS: atom_id res chain seq x y z
N PRO A 2 -5.84 -2.57 3.32
CA PRO A 2 -4.38 -2.63 3.55
C PRO A 2 -3.77 -1.23 3.51
N GLU A 3 -2.52 -1.14 3.95
CA GLU A 3 -1.82 0.13 3.96
C GLU A 3 -0.53 0.06 3.13
N GLY A 4 0.06 1.21 2.87
CA GLY A 4 1.26 1.29 2.05
C GLY A 4 2.35 0.24 2.19
N PRO A 5 2.86 0.00 3.41
CA PRO A 5 3.91 -1.00 3.61
C PRO A 5 3.57 -2.35 2.98
N GLU A 6 2.35 -2.82 3.19
CA GLU A 6 1.97 -4.12 2.65
C GLU A 6 2.04 -4.17 1.12
N LEU A 7 1.47 -3.17 0.46
CA LEU A 7 1.49 -3.15 -0.99
C LEU A 7 2.93 -3.15 -1.49
N HIS A 8 3.80 -2.37 -0.85
CA HIS A 8 5.20 -2.30 -1.23
C HIS A 8 5.83 -3.69 -1.08
N LEU A 9 5.64 -4.28 0.09
CA LEU A 9 6.20 -5.60 0.39
C LEU A 9 5.66 -6.67 -0.56
N ALA A 10 4.39 -6.57 -0.94
CA ALA A 10 3.76 -7.51 -1.86
C ALA A 10 4.40 -7.41 -3.25
N SER A 11 4.65 -6.18 -3.69
CA SER A 11 5.27 -5.93 -4.99
C SER A 11 6.66 -6.54 -5.02
N GLN A 12 7.39 -6.35 -3.92
CA GLN A 12 8.74 -6.89 -3.81
C GLN A 12 8.68 -8.42 -3.95
N PHE A 13 7.72 -9.03 -3.27
CA PHE A 13 7.57 -10.49 -3.33
C PHE A 13 7.33 -10.98 -4.75
N VAL A 14 6.41 -10.35 -5.47
CA VAL A 14 6.11 -10.75 -6.84
C VAL A 14 7.34 -10.67 -7.72
N ASN A 15 8.01 -9.52 -7.71
CA ASN A 15 9.20 -9.34 -8.54
C ASN A 15 10.27 -10.38 -8.28
N GLU A 16 10.60 -10.59 -7.01
CA GLU A 16 11.63 -11.55 -6.63
C GLU A 16 11.25 -12.99 -6.95
N ALA A 17 10.00 -13.34 -6.68
CA ALA A 17 9.51 -14.69 -6.92
C ALA A 17 9.34 -15.01 -8.41
N CYS A 18 8.99 -13.99 -9.21
CA CYS A 18 8.77 -14.17 -10.63
C CYS A 18 9.95 -13.79 -11.53
N ARG A 19 10.98 -13.21 -10.93
CA ARG A 19 12.15 -12.77 -11.69
C ARG A 19 12.64 -13.75 -12.77
N ALA A 20 12.74 -15.02 -12.44
CA ALA A 20 13.23 -16.01 -13.39
C ALA A 20 12.17 -16.99 -13.89
N LEU A 21 10.91 -16.71 -13.57
CA LEU A 21 9.83 -17.58 -14.01
C LEU A 21 9.30 -17.14 -15.36
N VAL A 22 8.84 -18.11 -16.13
CA VAL A 22 8.25 -17.83 -17.43
C VAL A 22 6.83 -18.37 -17.36
N PHE A 23 5.86 -17.50 -17.59
CA PHE A 23 4.45 -17.89 -17.57
C PHE A 23 3.96 -18.10 -18.98
N GLY A 24 2.86 -18.82 -19.13
CA GLY A 24 2.31 -19.08 -20.45
C GLY A 24 0.82 -19.38 -20.44
N GLY A 25 0.18 -19.15 -21.59
CA GLY A 25 -1.25 -19.40 -21.69
C GLY A 25 -2.07 -18.17 -21.37
N CYS A 26 -3.30 -18.38 -20.92
CA CYS A 26 -4.20 -17.28 -20.58
C CYS A 26 -4.18 -16.96 -19.08
N VAL A 27 -4.80 -15.83 -18.74
CA VAL A 27 -4.92 -15.41 -17.36
C VAL A 27 -6.33 -15.86 -16.98
N GLU A 28 -6.43 -16.74 -16.00
CA GLU A 28 -7.75 -17.25 -15.60
C GLU A 28 -8.39 -16.53 -14.42
N LYS A 29 -9.67 -16.21 -14.58
CA LYS A 29 -10.44 -15.55 -13.54
C LYS A 29 -11.50 -16.53 -13.08
N SER A 30 -11.77 -16.58 -11.79
CA SER A 30 -12.79 -17.47 -11.26
C SER A 30 -14.11 -17.00 -11.85
N SER A 31 -15.09 -17.90 -11.98
CA SER A 31 -16.37 -17.51 -12.53
C SER A 31 -17.12 -16.56 -11.60
N VAL A 32 -16.96 -16.78 -10.31
CA VAL A 32 -17.65 -15.95 -9.32
C VAL A 32 -17.15 -14.51 -9.22
N SER A 33 -15.89 -14.27 -9.53
CA SER A 33 -15.35 -12.92 -9.44
C SER A 33 -16.07 -11.94 -10.36
N ARG A 34 -16.46 -10.80 -9.81
CA ARG A 34 -17.15 -9.78 -10.58
C ARG A 34 -16.18 -8.82 -11.25
N ASN A 35 -14.88 -9.04 -11.02
CA ASN A 35 -13.87 -8.19 -11.64
C ASN A 35 -13.78 -8.58 -13.12
N PRO A 36 -13.17 -7.72 -13.96
CA PRO A 36 -13.06 -8.00 -15.39
C PRO A 36 -12.15 -9.14 -15.86
N GLU A 37 -12.54 -9.78 -16.95
CA GLU A 37 -11.74 -10.85 -17.54
C GLU A 37 -10.50 -10.17 -18.10
N VAL A 38 -9.40 -10.88 -18.14
CA VAL A 38 -8.16 -10.33 -18.65
C VAL A 38 -7.83 -10.87 -20.03
N PRO A 39 -8.13 -10.10 -21.10
CA PRO A 39 -7.83 -10.57 -22.45
C PRO A 39 -6.32 -10.61 -22.62
N PHE A 40 -5.76 -11.81 -22.59
CA PHE A 40 -4.31 -11.97 -22.70
C PHE A 40 -4.00 -13.42 -23.00
N GLU A 41 -2.99 -13.64 -23.84
CA GLU A 41 -2.55 -14.99 -24.17
C GLU A 41 -1.16 -14.89 -24.76
N SER A 42 -0.23 -15.65 -24.19
CA SER A 42 1.16 -15.65 -24.64
C SER A 42 1.87 -16.91 -24.16
N SER A 43 2.54 -17.56 -25.09
CA SER A 43 3.26 -18.80 -24.79
C SER A 43 4.39 -18.62 -23.78
N ALA A 44 4.88 -17.40 -23.65
CA ALA A 44 5.99 -17.13 -22.74
C ALA A 44 6.03 -15.66 -22.32
N TYR A 45 5.72 -15.38 -21.06
CA TYR A 45 5.76 -14.00 -20.61
C TYR A 45 6.28 -13.85 -19.19
N ARG A 46 6.74 -12.65 -18.86
CA ARG A 46 7.28 -12.39 -17.54
C ARG A 46 6.36 -11.45 -16.78
N ILE A 47 6.28 -11.67 -15.48
CA ILE A 47 5.44 -10.85 -14.62
C ILE A 47 6.35 -10.03 -13.72
N SER A 48 6.04 -8.74 -13.60
CA SER A 48 6.80 -7.82 -12.77
C SER A 48 5.76 -6.97 -12.07
N ALA A 49 6.18 -6.23 -11.05
CA ALA A 49 5.22 -5.41 -10.33
C ALA A 49 5.84 -4.20 -9.66
N SER A 50 5.01 -3.21 -9.37
CA SER A 50 5.46 -2.01 -8.67
C SER A 50 4.28 -1.63 -7.79
N ALA A 51 4.54 -0.80 -6.79
CA ALA A 51 3.48 -0.36 -5.89
C ALA A 51 3.47 1.17 -5.80
N ARG A 52 2.32 1.72 -5.48
CA ARG A 52 2.14 3.17 -5.31
C ARG A 52 0.98 3.35 -4.36
N GLY A 53 1.27 3.74 -3.12
CA GLY A 53 0.21 3.91 -2.16
C GLY A 53 -0.45 2.58 -1.84
N LYS A 54 -1.78 2.54 -1.95
CA LYS A 54 -2.50 1.30 -1.67
C LYS A 54 -2.81 0.51 -2.94
N GLU A 55 -2.05 0.75 -4.01
CA GLU A 55 -2.26 0.05 -5.27
C GLU A 55 -1.01 -0.70 -5.72
N LEU A 56 -1.23 -1.86 -6.34
CA LEU A 56 -0.14 -2.67 -6.87
C LEU A 56 -0.39 -2.86 -8.35
N ARG A 57 0.62 -2.62 -9.17
CA ARG A 57 0.49 -2.76 -10.61
C ARG A 57 1.32 -3.92 -11.13
N LEU A 58 0.64 -4.88 -11.77
CA LEU A 58 1.33 -6.02 -12.37
C LEU A 58 1.49 -5.71 -13.84
N ILE A 59 2.61 -6.12 -14.42
CA ILE A 59 2.83 -5.94 -15.85
C ILE A 59 3.20 -7.30 -16.41
N LEU A 60 2.48 -7.71 -17.45
CA LEU A 60 2.71 -8.98 -18.12
C LEU A 60 3.44 -8.66 -19.41
N SER A 61 4.67 -9.14 -19.52
CA SER A 61 5.49 -8.85 -20.68
C SER A 61 5.93 -10.07 -21.49
N PRO A 62 5.36 -10.26 -22.68
CA PRO A 62 5.73 -11.40 -23.52
C PRO A 62 7.21 -11.36 -23.87
N LEU A 63 7.83 -12.54 -23.86
CA LEU A 63 9.25 -12.65 -24.19
C LEU A 63 9.40 -12.75 -25.70
N PRO A 64 10.59 -12.43 -26.22
CA PRO A 64 10.82 -12.49 -27.66
C PRO A 64 10.45 -13.85 -28.24
N GLY A 65 9.71 -13.85 -29.35
CA GLY A 65 9.31 -15.08 -29.98
C GLY A 65 7.98 -15.62 -29.50
N ALA A 66 7.55 -15.22 -28.31
CA ALA A 66 6.29 -15.68 -27.75
C ALA A 66 5.14 -15.57 -28.76
N GLN A 67 4.21 -16.51 -28.69
CA GLN A 67 3.06 -16.49 -29.58
C GLN A 67 1.80 -16.78 -28.77
N PRO A 68 0.64 -16.25 -29.21
CA PRO A 68 0.51 -15.42 -30.41
C PRO A 68 0.98 -14.01 -30.08
N GLN A 69 0.96 -13.12 -31.08
CA GLN A 69 1.40 -11.74 -30.86
C GLN A 69 0.61 -11.14 -29.71
N GLN A 70 1.33 -10.56 -28.76
CA GLN A 70 0.68 -9.96 -27.61
C GLN A 70 1.46 -8.78 -27.08
N GLU A 71 0.77 -7.66 -26.89
CA GLU A 71 1.41 -6.47 -26.37
C GLU A 71 1.47 -6.59 -24.84
N PRO A 72 2.43 -5.90 -24.22
CA PRO A 72 2.52 -5.97 -22.76
C PRO A 72 1.20 -5.45 -22.19
N LEU A 73 0.75 -6.01 -21.06
CA LEU A 73 -0.49 -5.57 -20.46
C LEU A 73 -0.28 -5.30 -18.97
N ALA A 74 -0.81 -4.18 -18.50
CA ALA A 74 -0.69 -3.81 -17.10
C ALA A 74 -2.04 -3.99 -16.43
N LEU A 75 -2.01 -4.35 -15.14
CA LEU A 75 -3.22 -4.54 -14.34
C LEU A 75 -2.96 -3.89 -12.98
N VAL A 76 -3.90 -3.07 -12.53
CA VAL A 76 -3.74 -2.43 -11.23
C VAL A 76 -4.69 -3.06 -10.22
N PHE A 77 -4.13 -3.47 -9.08
CA PHE A 77 -4.91 -4.11 -8.03
C PHE A 77 -5.07 -3.30 -6.75
N ARG A 78 -6.20 -3.54 -6.11
CA ARG A 78 -6.54 -2.96 -4.81
C ARG A 78 -6.89 -4.21 -4.03
N PHE A 79 -6.12 -4.50 -2.99
CA PHE A 79 -6.30 -5.72 -2.19
C PHE A 79 -7.58 -5.90 -1.40
N GLY A 80 -8.02 -4.86 -0.71
CA GLY A 80 -9.20 -5.01 0.10
C GLY A 80 -8.78 -5.73 1.36
N MET A 81 -9.76 -5.97 2.23
CA MET A 81 -9.56 -6.64 3.51
C MET A 81 -8.80 -7.96 3.48
N SER A 82 -9.07 -8.80 2.48
CA SER A 82 -8.43 -10.11 2.44
C SER A 82 -7.66 -10.48 1.16
N GLY A 83 -7.37 -9.50 0.32
CA GLY A 83 -6.63 -9.80 -0.90
C GLY A 83 -5.14 -10.02 -0.66
N SER A 84 -4.52 -10.84 -1.51
CA SER A 84 -3.09 -11.14 -1.41
C SER A 84 -2.60 -11.81 -2.67
N PHE A 85 -1.29 -11.91 -2.78
CA PHE A 85 -0.68 -12.62 -3.90
C PHE A 85 0.05 -13.79 -3.27
N GLN A 86 -0.11 -14.94 -3.92
CA GLN A 86 0.51 -16.17 -3.46
C GLN A 86 1.04 -16.95 -4.65
N LEU A 87 2.20 -17.59 -4.47
CA LEU A 87 2.81 -18.40 -5.53
C LEU A 87 2.73 -19.82 -5.00
N VAL A 88 1.93 -20.66 -5.64
CA VAL A 88 1.73 -22.03 -5.16
C VAL A 88 1.87 -23.11 -6.21
N PRO A 89 1.98 -24.38 -5.77
CA PRO A 89 2.11 -25.47 -6.74
C PRO A 89 0.77 -25.56 -7.50
N ARG A 90 0.84 -25.86 -8.79
CA ARG A 90 -0.32 -25.95 -9.66
C ARG A 90 -1.47 -26.82 -9.13
N GLU A 91 -1.15 -27.91 -8.44
CA GLU A 91 -2.17 -28.81 -7.91
C GLU A 91 -2.72 -28.37 -6.56
N GLU A 92 -2.21 -27.24 -6.05
CA GLU A 92 -2.67 -26.75 -4.75
C GLU A 92 -3.22 -25.34 -4.83
N LEU A 93 -4.07 -25.07 -5.82
CA LEU A 93 -4.65 -23.74 -5.98
C LEU A 93 -5.56 -23.41 -4.80
N PRO A 94 -5.34 -22.24 -4.17
CA PRO A 94 -6.17 -21.83 -3.02
C PRO A 94 -7.63 -21.78 -3.45
N ARG A 95 -8.52 -22.20 -2.56
CA ARG A 95 -9.95 -22.22 -2.83
C ARG A 95 -10.51 -20.88 -3.33
N HIS A 96 -9.93 -19.78 -2.85
CA HIS A 96 -10.41 -18.45 -3.24
C HIS A 96 -9.48 -17.67 -4.17
N ALA A 97 -8.80 -18.39 -5.05
CA ALA A 97 -7.91 -17.75 -6.02
C ALA A 97 -8.78 -17.26 -7.18
N HIS A 98 -8.98 -15.94 -7.25
CA HIS A 98 -9.83 -15.35 -8.28
C HIS A 98 -9.14 -14.94 -9.59
N LEU A 99 -7.82 -14.87 -9.59
CA LEU A 99 -7.08 -14.52 -10.81
C LEU A 99 -5.81 -15.33 -10.74
N ARG A 100 -5.53 -16.07 -11.82
CA ARG A 100 -4.37 -16.95 -11.86
C ARG A 100 -3.50 -16.87 -13.12
N PHE A 101 -2.19 -16.97 -12.90
CA PHE A 101 -1.18 -16.96 -13.95
C PHE A 101 -0.38 -18.24 -13.76
N TYR A 102 -0.27 -19.04 -14.82
CA TYR A 102 0.44 -20.32 -14.75
C TYR A 102 1.81 -20.34 -15.42
N THR A 103 2.80 -20.93 -14.76
CA THR A 103 4.13 -21.00 -15.33
C THR A 103 4.14 -21.95 -16.52
N ALA A 104 4.99 -21.64 -17.50
CA ALA A 104 5.13 -22.43 -18.72
C ALA A 104 5.98 -23.68 -18.46
N PRO A 105 5.76 -24.76 -19.24
CA PRO A 105 6.43 -26.06 -19.17
C PRO A 105 7.82 -26.15 -18.55
N PRO A 106 8.72 -25.22 -18.87
CA PRO A 106 10.05 -25.32 -18.26
C PRO A 106 10.08 -25.25 -16.73
N GLY A 107 10.28 -26.39 -16.07
CA GLY A 107 10.33 -26.43 -14.61
C GLY A 107 9.02 -26.75 -13.91
N PRO A 108 9.01 -26.86 -12.57
CA PRO A 108 7.82 -27.17 -11.77
C PRO A 108 6.62 -26.28 -12.08
N ARG A 109 5.46 -26.90 -12.32
CA ARG A 109 4.26 -26.14 -12.65
C ARG A 109 3.76 -25.39 -11.42
N LEU A 110 3.77 -24.06 -11.51
CA LEU A 110 3.33 -23.20 -10.39
C LEU A 110 2.29 -22.21 -10.87
N ALA A 111 1.64 -21.53 -9.93
CA ALA A 111 0.64 -20.53 -10.28
C ALA A 111 0.69 -19.32 -9.35
N LEU A 112 0.77 -18.13 -9.95
CA LEU A 112 0.75 -16.90 -9.17
C LEU A 112 -0.74 -16.60 -9.07
N CYS A 113 -1.25 -16.47 -7.84
CA CYS A 113 -2.67 -16.21 -7.64
C CYS A 113 -2.99 -15.00 -6.80
N PHE A 114 -4.07 -14.33 -7.17
CA PHE A 114 -4.57 -13.23 -6.38
C PHE A 114 -5.68 -13.96 -5.62
N VAL A 115 -5.52 -14.10 -4.31
CA VAL A 115 -6.47 -14.78 -3.43
C VAL A 115 -7.23 -13.72 -2.65
N ASP A 116 -8.53 -13.92 -2.46
CA ASP A 116 -9.34 -12.92 -1.79
C ASP A 116 -10.68 -13.53 -1.40
N ILE A 117 -10.74 -14.14 -0.21
CA ILE A 117 -11.97 -14.80 0.23
C ILE A 117 -13.20 -13.89 0.33
N ARG A 118 -13.02 -12.68 0.84
CA ARG A 118 -14.14 -11.74 1.00
C ARG A 118 -14.52 -11.06 -0.31
N ARG A 119 -13.64 -11.14 -1.29
CA ARG A 119 -13.87 -10.53 -2.60
C ARG A 119 -14.05 -9.02 -2.58
N PHE A 120 -13.34 -8.34 -1.68
CA PHE A 120 -13.41 -6.88 -1.61
C PHE A 120 -12.33 -6.30 -2.51
N GLY A 121 -11.42 -7.16 -2.94
CA GLY A 121 -10.33 -6.72 -3.79
C GLY A 121 -10.81 -6.42 -5.21
N ARG A 122 -10.08 -5.58 -5.92
CA ARG A 122 -10.46 -5.23 -7.28
C ARG A 122 -9.25 -5.04 -8.16
N TRP A 123 -9.44 -5.22 -9.46
CA TRP A 123 -8.37 -4.98 -10.41
C TRP A 123 -8.99 -4.39 -11.66
N ASP A 124 -8.23 -3.56 -12.36
CA ASP A 124 -8.69 -2.92 -13.57
C ASP A 124 -7.65 -3.09 -14.67
N LEU A 125 -8.13 -3.22 -15.91
CA LEU A 125 -7.26 -3.38 -17.06
C LEU A 125 -6.54 -2.05 -17.33
N GLY A 126 -5.22 -2.12 -17.49
CA GLY A 126 -4.46 -0.90 -17.75
C GLY A 126 -3.57 -0.57 -16.57
N GLY A 127 -2.49 0.15 -16.82
CA GLY A 127 -1.57 0.49 -15.75
C GLY A 127 -1.80 1.84 -15.12
N LYS A 128 -2.96 2.43 -15.36
CA LYS A 128 -3.28 3.73 -14.81
C LYS A 128 -3.66 3.65 -13.34
N TRP A 129 -2.99 4.43 -12.49
CA TRP A 129 -3.30 4.43 -11.06
C TRP A 129 -4.68 5.05 -10.90
N GLN A 130 -5.28 4.89 -9.71
CA GLN A 130 -6.60 5.43 -9.45
C GLN A 130 -6.60 6.95 -9.65
N PRO A 131 -7.58 7.46 -10.40
CA PRO A 131 -7.67 8.91 -10.64
C PRO A 131 -7.78 9.71 -9.35
N GLY A 132 -6.94 10.73 -9.22
CA GLY A 132 -6.99 11.57 -8.04
C GLY A 132 -6.06 11.20 -6.90
N ARG A 133 -5.58 9.96 -6.86
CA ARG A 133 -4.70 9.56 -5.76
C ARG A 133 -3.38 10.31 -5.88
N GLY A 134 -2.89 10.83 -4.76
CA GLY A 134 -1.65 11.57 -4.78
C GLY A 134 -0.40 10.71 -4.82
N PRO A 135 0.78 11.33 -4.76
CA PRO A 135 2.06 10.60 -4.78
C PRO A 135 2.18 9.67 -3.59
N CYS A 136 2.84 8.54 -3.80
CA CYS A 136 3.08 7.54 -2.77
C CYS A 136 3.97 8.09 -1.65
N VAL A 137 3.52 7.97 -0.40
CA VAL A 137 4.30 8.49 0.73
C VAL A 137 5.61 7.74 0.92
N LEU A 138 5.71 6.54 0.34
CA LEU A 138 6.93 5.74 0.46
C LEU A 138 7.92 5.96 -0.68
N GLN A 139 7.42 5.90 -1.92
CA GLN A 139 8.27 6.03 -3.10
C GLN A 139 8.38 7.43 -3.72
N GLU A 140 7.47 8.33 -3.34
CA GLU A 140 7.47 9.69 -3.89
C GLU A 140 7.36 10.74 -2.78
N TYR A 141 8.19 10.60 -1.74
CA TYR A 141 8.13 11.54 -0.62
C TYR A 141 8.14 13.02 -0.96
N GLN A 142 9.11 13.46 -1.74
CA GLN A 142 9.19 14.87 -2.06
C GLN A 142 7.95 15.37 -2.80
N GLN A 143 7.48 14.63 -3.80
CA GLN A 143 6.28 15.03 -4.53
C GLN A 143 5.06 15.01 -3.61
N PHE A 144 5.02 14.03 -2.72
CA PHE A 144 3.93 13.90 -1.76
C PHE A 144 3.88 15.16 -0.88
N ARG A 145 5.03 15.52 -0.31
CA ARG A 145 5.13 16.69 0.56
C ARG A 145 4.80 18.00 -0.15
N GLU A 146 5.34 18.19 -1.35
CA GLU A 146 5.09 19.42 -2.10
C GLU A 146 3.61 19.56 -2.43
N SER A 147 2.97 18.44 -2.76
CA SER A 147 1.55 18.46 -3.11
C SER A 147 0.67 18.85 -1.93
N VAL A 148 1.04 18.42 -0.73
CA VAL A 148 0.26 18.77 0.45
C VAL A 148 0.37 20.27 0.76
N LEU A 149 1.60 20.77 0.78
CA LEU A 149 1.87 22.17 1.09
C LEU A 149 1.29 23.12 0.04
N ARG A 150 1.30 22.68 -1.21
CA ARG A 150 0.80 23.47 -2.32
C ARG A 150 -0.72 23.56 -2.33
N ASN A 151 -1.37 22.53 -1.80
CA ASN A 151 -2.82 22.47 -1.79
C ASN A 151 -3.48 22.62 -0.41
N LEU A 152 -2.78 23.24 0.53
CA LEU A 152 -3.33 23.42 1.87
C LEU A 152 -4.65 24.17 1.89
N ALA A 153 -4.84 25.05 0.90
CA ALA A 153 -6.06 25.84 0.80
C ALA A 153 -7.28 24.97 0.54
N ASP A 154 -7.06 23.75 0.04
CA ASP A 154 -8.15 22.83 -0.27
C ASP A 154 -9.02 22.57 0.96
N LYS A 155 -10.32 22.40 0.75
CA LYS A 155 -11.25 22.14 1.84
C LYS A 155 -10.94 20.84 2.56
N ALA A 156 -10.09 20.00 1.96
CA ALA A 156 -9.73 18.73 2.57
C ALA A 156 -9.05 18.97 3.91
N PHE A 157 -8.37 20.11 4.04
CA PHE A 157 -7.65 20.41 5.26
C PHE A 157 -8.45 21.20 6.31
N ASP A 158 -9.77 21.28 6.13
CA ASP A 158 -10.63 21.94 7.10
C ASP A 158 -11.09 20.84 8.06
N ARG A 159 -10.90 19.59 7.66
CA ARG A 159 -11.30 18.44 8.46
C ARG A 159 -10.24 18.17 9.54
N PRO A 160 -10.59 17.39 10.57
CA PRO A 160 -9.57 17.12 11.59
C PRO A 160 -8.42 16.35 10.95
N ILE A 161 -7.23 16.49 11.55
CA ILE A 161 -6.05 15.83 11.01
C ILE A 161 -6.18 14.31 10.87
N CYS A 162 -6.82 13.64 11.82
CA CYS A 162 -6.95 12.19 11.72
C CYS A 162 -7.76 11.77 10.49
N GLU A 163 -8.68 12.63 10.06
CA GLU A 163 -9.49 12.35 8.87
C GLU A 163 -8.73 12.72 7.59
N ALA A 164 -8.06 13.85 7.60
CA ALA A 164 -7.32 14.27 6.42
C ALA A 164 -6.23 13.25 6.09
N LEU A 165 -5.66 12.61 7.10
CA LEU A 165 -4.60 11.62 6.89
C LEU A 165 -5.07 10.41 6.10
N LEU A 166 -6.38 10.20 6.05
CA LEU A 166 -6.92 9.07 5.29
C LEU A 166 -7.34 9.48 3.88
N ASP A 167 -7.30 10.78 3.59
CA ASP A 167 -7.67 11.27 2.26
C ASP A 167 -6.57 10.86 1.28
N GLN A 168 -6.83 9.83 0.46
CA GLN A 168 -5.83 9.32 -0.47
C GLN A 168 -5.42 10.30 -1.58
N ARG A 169 -6.10 11.43 -1.66
CA ARG A 169 -5.77 12.43 -2.67
C ARG A 169 -4.49 13.14 -2.23
N PHE A 170 -4.21 13.11 -0.93
CA PHE A 170 -3.03 13.78 -0.39
C PHE A 170 -2.10 12.89 0.42
N PHE A 171 -2.61 11.80 0.97
CA PHE A 171 -1.81 10.88 1.79
C PHE A 171 -1.91 9.44 1.28
N ASN A 172 -1.67 9.27 -0.01
CA ASN A 172 -1.73 7.96 -0.65
C ASN A 172 -0.84 6.90 0.00
N GLY A 173 -1.45 5.95 0.70
CA GLY A 173 -0.70 4.89 1.36
C GLY A 173 -0.97 4.84 2.86
N ILE A 174 -1.43 5.96 3.41
CA ILE A 174 -1.72 6.04 4.83
C ILE A 174 -3.09 5.44 5.12
N GLY A 175 -3.13 4.56 6.11
CA GLY A 175 -4.36 3.90 6.51
C GLY A 175 -4.66 4.09 7.99
N ASN A 176 -5.62 3.34 8.50
CA ASN A 176 -6.05 3.47 9.89
C ASN A 176 -4.99 3.21 10.97
N TYR A 177 -4.12 2.23 10.79
CA TYR A 177 -3.11 2.01 11.83
C TYR A 177 -1.96 3.01 11.69
N LEU A 178 -1.64 3.41 10.48
CA LEU A 178 -0.56 4.39 10.28
C LEU A 178 -0.91 5.77 10.83
N ARG A 179 -2.13 6.26 10.58
CA ARG A 179 -2.49 7.58 11.09
C ARG A 179 -2.40 7.60 12.62
N ALA A 180 -2.73 6.48 13.26
CA ALA A 180 -2.67 6.40 14.71
C ALA A 180 -1.22 6.46 15.18
N GLU A 181 -0.37 5.64 14.57
CA GLU A 181 1.04 5.62 14.96
C GLU A 181 1.75 6.95 14.69
N ILE A 182 1.44 7.58 13.55
CA ILE A 182 2.05 8.84 13.16
C ILE A 182 1.68 9.96 14.14
N LEU A 183 0.38 10.13 14.39
CA LEU A 183 -0.08 11.18 15.29
C LEU A 183 0.47 10.96 16.71
N TYR A 184 0.59 9.71 17.11
CA TYR A 184 1.10 9.39 18.43
C TYR A 184 2.56 9.80 18.59
N ARG A 185 3.35 9.66 17.54
CA ARG A 185 4.77 10.04 17.59
C ARG A 185 4.93 11.52 17.95
N LEU A 186 4.03 12.36 17.45
CA LEU A 186 4.10 13.80 17.70
C LEU A 186 3.09 14.26 18.74
N LYS A 187 2.30 13.32 19.25
CA LYS A 187 1.29 13.63 20.26
C LYS A 187 0.34 14.71 19.77
N ILE A 188 -0.01 14.66 18.49
CA ILE A 188 -0.93 15.64 17.91
C ILE A 188 -2.37 15.16 18.05
N PRO A 189 -3.22 15.98 18.69
CA PRO A 189 -4.62 15.63 18.88
C PRO A 189 -5.24 15.24 17.53
N PRO A 190 -5.86 14.06 17.46
CA PRO A 190 -6.48 13.59 16.22
C PRO A 190 -7.54 14.52 15.65
N PHE A 191 -8.19 15.30 16.51
CA PHE A 191 -9.23 16.18 16.02
C PHE A 191 -8.88 17.66 15.95
N GLU A 192 -7.59 17.93 15.78
CA GLU A 192 -7.11 19.30 15.60
C GLU A 192 -7.35 19.56 14.12
N LYS A 193 -7.67 20.81 13.77
CA LYS A 193 -7.90 21.17 12.37
C LYS A 193 -6.66 20.81 11.57
N ALA A 194 -6.84 20.07 10.48
CA ALA A 194 -5.71 19.66 9.66
C ALA A 194 -4.78 20.82 9.27
N ARG A 195 -5.32 21.85 8.62
CA ARG A 195 -4.49 22.98 8.21
C ARG A 195 -3.70 23.58 9.38
N SER A 196 -4.28 23.58 10.57
CA SER A 196 -3.60 24.16 11.72
C SER A 196 -2.30 23.44 12.06
N VAL A 197 -2.28 22.11 11.86
CA VAL A 197 -1.10 21.32 12.17
C VAL A 197 0.00 21.44 11.11
N LEU A 198 -0.39 21.79 9.89
CA LEU A 198 0.56 21.88 8.79
C LEU A 198 0.98 23.29 8.38
N GLU A 199 0.17 24.28 8.73
CA GLU A 199 0.45 25.68 8.38
C GLU A 199 1.91 26.11 8.55
N ALA A 200 2.49 25.80 9.70
CA ALA A 200 3.87 26.17 9.99
C ALA A 200 4.84 25.67 8.92
N LEU A 201 4.47 24.59 8.25
CA LEU A 201 5.32 24.00 7.22
C LEU A 201 5.21 24.75 5.89
N GLN A 202 4.26 25.67 5.80
CA GLN A 202 4.05 26.47 4.60
C GLN A 202 5.33 27.20 4.21
N PRO A 208 16.73 24.56 -2.11
CA PRO A 208 18.07 24.99 -1.68
C PRO A 208 18.05 26.15 -0.68
N GLU A 209 17.40 25.93 0.46
CA GLU A 209 17.32 26.96 1.49
C GLU A 209 18.23 26.61 2.65
N LEU A 210 17.81 25.67 3.50
CA LEU A 210 18.63 25.27 4.64
C LEU A 210 19.67 24.24 4.21
N THR A 211 20.89 24.36 4.71
CA THR A 211 21.97 23.43 4.38
C THR A 211 21.87 22.18 5.24
N LEU A 212 22.62 21.14 4.88
CA LEU A 212 22.62 19.90 5.65
C LEU A 212 22.99 20.14 7.10
N SER A 213 23.99 20.97 7.36
CA SER A 213 24.40 21.24 8.73
C SER A 213 23.27 21.92 9.51
N GLN A 214 22.53 22.79 8.84
CA GLN A 214 21.42 23.48 9.49
C GLN A 214 20.28 22.51 9.79
N LYS A 215 19.98 21.63 8.83
CA LYS A 215 18.92 20.64 9.02
C LYS A 215 19.28 19.64 10.12
N ILE A 216 20.54 19.25 10.19
CA ILE A 216 20.97 18.32 11.21
C ILE A 216 20.81 18.94 12.59
N ARG A 217 20.97 20.26 12.66
CA ARG A 217 20.85 20.98 13.92
C ARG A 217 19.45 21.35 14.37
N THR A 218 18.52 21.51 13.44
CA THR A 218 17.17 21.90 13.82
C THR A 218 16.03 21.02 13.29
N LYS A 219 16.35 20.01 12.49
CA LYS A 219 15.31 19.15 11.96
C LYS A 219 15.49 17.68 12.33
N LEU A 220 16.74 17.22 12.36
CA LEU A 220 17.02 15.82 12.66
C LEU A 220 16.27 15.25 13.86
N GLN A 221 16.39 15.90 15.01
CA GLN A 221 15.72 15.39 16.21
C GLN A 221 14.31 15.96 16.42
N ASN A 222 13.78 16.61 15.39
CA ASN A 222 12.45 17.20 15.46
C ASN A 222 11.72 17.05 14.13
N PRO A 223 11.43 15.82 13.72
CA PRO A 223 10.73 15.58 12.45
C PRO A 223 9.30 16.10 12.45
N ASP A 224 8.84 16.60 11.31
CA ASP A 224 7.48 17.10 11.23
C ASP A 224 6.51 16.03 10.75
N LEU A 225 5.21 16.31 10.88
CA LEU A 225 4.18 15.36 10.49
C LEU A 225 4.39 14.75 9.10
N LEU A 226 4.73 15.58 8.13
CA LEU A 226 4.92 15.07 6.77
C LEU A 226 6.12 14.15 6.66
N GLU A 227 7.19 14.46 7.39
CA GLU A 227 8.37 13.58 7.35
C GLU A 227 8.01 12.20 7.89
N LEU A 228 7.20 12.17 8.95
CA LEU A 228 6.82 10.90 9.54
C LEU A 228 5.85 10.11 8.65
N CYS A 229 5.07 10.79 7.81
CA CYS A 229 4.17 10.06 6.92
C CYS A 229 4.99 9.19 5.97
N HIS A 230 6.29 9.50 5.87
CA HIS A 230 7.19 8.72 5.03
C HIS A 230 8.02 7.75 5.88
N SER A 231 8.65 8.26 6.93
CA SER A 231 9.50 7.41 7.76
C SER A 231 8.81 6.34 8.60
N VAL A 232 7.60 6.62 9.09
CA VAL A 232 6.91 5.62 9.90
C VAL A 232 6.57 4.38 9.06
N PRO A 233 5.94 4.57 7.88
CA PRO A 233 5.65 3.35 7.09
C PRO A 233 6.93 2.67 6.62
N LYS A 234 7.99 3.44 6.46
CA LYS A 234 9.25 2.88 6.02
C LYS A 234 9.78 1.93 7.10
N GLU A 235 9.43 2.20 8.35
CA GLU A 235 9.87 1.34 9.46
C GLU A 235 9.20 -0.03 9.31
N VAL A 236 7.94 -0.02 8.89
CA VAL A 236 7.19 -1.26 8.71
C VAL A 236 7.80 -2.04 7.56
N VAL A 237 8.21 -1.35 6.51
CA VAL A 237 8.83 -2.00 5.37
C VAL A 237 10.10 -2.72 5.80
N GLN A 238 10.95 -2.04 6.57
CA GLN A 238 12.19 -2.64 7.03
C GLN A 238 11.92 -3.84 7.93
N LEU A 239 10.93 -3.71 8.81
CA LEU A 239 10.57 -4.79 9.72
C LEU A 239 10.07 -6.02 8.95
N GLY A 240 9.32 -5.77 7.88
CA GLY A 240 8.76 -6.85 7.09
C GLY A 240 9.76 -7.65 6.28
N GLY A 241 10.92 -7.05 5.99
CA GLY A 241 11.94 -7.73 5.22
C GLY A 241 11.40 -8.41 3.97
N ARG A 242 11.64 -9.72 3.86
CA ARG A 242 11.17 -10.47 2.71
C ARG A 242 10.20 -11.57 3.14
N GLY A 243 9.48 -11.32 4.22
CA GLY A 243 8.52 -12.29 4.73
C GLY A 243 7.22 -12.44 3.94
N TYR A 244 6.83 -11.44 3.16
CA TYR A 244 5.59 -11.55 2.41
C TYR A 244 5.66 -12.71 1.42
N GLY A 245 4.59 -13.50 1.36
CA GLY A 245 4.52 -14.63 0.45
C GLY A 245 5.23 -15.87 0.94
N SER A 246 5.89 -15.77 2.08
CA SER A 246 6.60 -16.91 2.65
C SER A 246 5.78 -17.53 3.77
N GLU A 247 6.44 -18.38 4.54
CA GLU A 247 5.78 -19.08 5.63
C GLU A 247 6.04 -18.43 6.99
N SER A 248 6.65 -17.26 6.99
CA SER A 248 6.96 -16.56 8.24
C SER A 248 5.85 -15.64 8.75
N GLY A 249 4.61 -15.96 8.37
CA GLY A 249 3.48 -15.15 8.78
C GLY A 249 3.34 -14.92 10.28
N GLU A 250 3.52 -15.99 11.05
CA GLU A 250 3.40 -15.90 12.51
C GLU A 250 4.46 -14.97 13.09
N GLU A 251 5.70 -15.20 12.70
CA GLU A 251 6.82 -14.39 13.16
C GLU A 251 6.65 -12.93 12.76
N ASP A 252 6.24 -12.68 11.52
CA ASP A 252 6.07 -11.31 11.05
C ASP A 252 4.99 -10.55 11.82
N PHE A 253 3.85 -11.18 12.08
CA PHE A 253 2.81 -10.48 12.81
C PHE A 253 3.23 -10.21 14.25
N ALA A 254 4.00 -11.11 14.83
CA ALA A 254 4.46 -10.92 16.20
C ALA A 254 5.37 -9.68 16.26
N ALA A 255 6.18 -9.48 15.22
CA ALA A 255 7.07 -8.32 15.18
C ALA A 255 6.25 -7.04 14.97
N PHE A 256 5.23 -7.14 14.14
CA PHE A 256 4.38 -5.99 13.86
C PHE A 256 3.65 -5.57 15.13
N ARG A 257 3.12 -6.57 15.85
CA ARG A 257 2.41 -6.32 17.09
C ARG A 257 3.32 -5.54 18.05
N ALA A 258 4.56 -5.98 18.17
CA ALA A 258 5.52 -5.33 19.07
C ALA A 258 5.95 -3.94 18.62
N TRP A 259 5.81 -3.67 17.33
CA TRP A 259 6.20 -2.38 16.77
C TRP A 259 5.20 -1.28 17.07
N LEU A 260 3.92 -1.64 17.17
CA LEU A 260 2.86 -0.67 17.44
C LEU A 260 3.02 -0.01 18.80
N ARG A 261 2.74 1.29 18.86
CA ARG A 261 2.85 2.01 20.12
C ARG A 261 1.49 2.58 20.53
N CYS A 262 0.57 2.68 19.58
CA CYS A 262 -0.74 3.26 19.89
C CYS A 262 -1.96 2.49 19.43
N TYR A 263 -2.03 2.19 18.14
CA TYR A 263 -3.18 1.47 17.60
C TYR A 263 -3.56 0.23 18.39
N GLY A 264 -4.80 0.20 18.89
CA GLY A 264 -5.30 -0.92 19.66
C GLY A 264 -4.52 -1.25 20.93
N MET A 265 -3.76 -0.30 21.43
CA MET A 265 -2.96 -0.52 22.63
C MET A 265 -3.71 -0.19 23.92
N PRO A 266 -3.44 -0.94 24.99
CA PRO A 266 -4.10 -0.73 26.30
C PRO A 266 -3.86 0.67 26.83
N GLY A 267 -4.89 1.25 27.44
CA GLY A 267 -4.77 2.60 27.98
C GLY A 267 -5.08 3.67 26.96
N MET A 268 -4.77 3.38 25.70
CA MET A 268 -5.04 4.34 24.62
C MET A 268 -6.52 4.63 24.48
N SER A 269 -6.84 5.88 24.13
CA SER A 269 -8.22 6.29 23.93
C SER A 269 -8.60 5.97 22.49
N SER A 270 -9.90 5.95 22.22
CA SER A 270 -10.38 5.66 20.88
C SER A 270 -11.69 6.40 20.59
N LEU A 271 -11.85 6.83 19.34
CA LEU A 271 -13.06 7.53 18.92
C LEU A 271 -13.39 7.17 17.49
N GLN A 272 -14.60 7.51 17.06
CA GLN A 272 -15.05 7.23 15.71
C GLN A 272 -15.12 8.54 14.91
N ASP A 273 -14.49 8.57 13.75
CA ASP A 273 -14.53 9.77 12.91
C ASP A 273 -15.84 9.79 12.13
N ARG A 274 -16.04 10.81 11.30
CA ARG A 274 -17.26 10.91 10.52
C ARG A 274 -17.48 9.74 9.58
N HIS A 275 -16.41 9.01 9.25
CA HIS A 275 -16.51 7.87 8.36
C HIS A 275 -16.81 6.57 9.09
N GLY A 276 -16.78 6.62 10.42
CA GLY A 276 -17.06 5.43 11.20
C GLY A 276 -15.82 4.64 11.53
N ARG A 277 -14.67 5.12 11.06
CA ARG A 277 -13.40 4.44 11.30
C ARG A 277 -12.88 4.84 12.69
N THR A 278 -12.31 3.88 13.40
CA THR A 278 -11.79 4.13 14.74
C THR A 278 -10.38 4.71 14.74
N ILE A 279 -10.21 5.82 15.45
CA ILE A 279 -8.91 6.45 15.55
C ILE A 279 -8.40 6.29 16.98
N TRP A 280 -7.19 5.75 17.11
CA TRP A 280 -6.60 5.55 18.43
C TRP A 280 -5.62 6.68 18.74
N PHE A 281 -5.63 7.13 19.99
CA PHE A 281 -4.76 8.23 20.41
C PHE A 281 -4.55 8.22 21.92
N GLN A 282 -3.71 9.14 22.40
CA GLN A 282 -3.45 9.23 23.83
C GLN A 282 -3.57 10.68 24.28
N GLY A 283 -4.44 10.91 25.27
CA GLY A 283 -4.61 12.26 25.77
C GLY A 283 -5.76 13.02 25.16
N ASP A 284 -5.57 14.32 24.98
CA ASP A 284 -6.60 15.20 24.40
C ASP A 284 -7.04 14.82 23.00
N PRO A 285 -8.34 14.59 22.80
CA PRO A 285 -8.86 14.23 21.49
C PRO A 285 -8.78 15.36 20.46
N GLY A 286 -8.97 16.60 20.94
CA GLY A 286 -8.92 17.74 20.04
C GLY A 286 -10.24 18.50 20.02
N PRO A 287 -10.25 19.75 19.53
CA PRO A 287 -11.43 20.60 19.46
C PRO A 287 -12.56 20.14 18.54
N LEU A 288 -12.22 19.43 17.47
CA LEU A 288 -13.24 18.96 16.54
C LEU A 288 -13.75 17.56 16.86
N ALA A 289 -13.50 17.10 18.08
CA ALA A 289 -13.93 15.77 18.49
C ALA A 289 -15.45 15.65 18.44
N PRO A 290 -15.96 14.52 17.92
CA PRO A 290 -17.40 14.29 17.82
C PRO A 290 -18.04 14.07 19.19
C TRS B . -8.23 -0.79 0.02
C1 TRS B . -9.67 -1.11 -0.35
C2 TRS B . -8.15 -0.51 1.53
C3 TRS B . -7.77 0.44 -0.76
N TRS B . -7.38 -1.93 -0.31
O1 TRS B . -9.81 -1.39 -1.73
O2 TRS B . -6.83 -0.21 1.92
O3 TRS B . -7.84 0.24 -2.16
#